data_2XX3
#
_entry.id   2XX3
#
_cell.length_a   102.440
_cell.length_b   38.320
_cell.length_c   73.160
_cell.angle_alpha   90.00
_cell.angle_beta   123.07
_cell.angle_gamma   90.00
#
_symmetry.space_group_name_H-M   'C 1 2 1'
#
loop_
_entity.id
_entity.type
_entity.pdbx_description
1 polymer 'THYMIDYLATE KINASE'
2 non-polymer "ADENOSINE-5'-DIPHOSPHATE"
3 non-polymer 'MAGNESIUM ION'
4 non-polymer N1-[(E)-4-DIHYDROXYPHOSPHONYL-BUT-2-ENYL]-THYMINE
5 non-polymer 'NITRATE ION'
6 water water
#
_entity_poly.entity_id   1
_entity_poly.type   'polypeptide(L)'
_entity_poly.pdbx_seq_one_letter_code
;MGSSHHHHHHSSGLVPRGSHMAARRGALIVLEGVDRAGKSTQSRKLVEALCAAGHRAELLRFPERSTEIGKLLSSYLQKK
SDVEDHSVHLLFSANRWEQVPLIKEKLSQGVTLVVDRYAFSGVAFTGAKENFSLDWCKQPDVGLPKPDLVLFLQLQLADA
AKRGAFGHERYENGAFQERALRCFHQLMKDTTLNWKMVDASKSIEAVHEDIRVLSEDAIRTATEKPLGELWK
;
_entity_poly.pdbx_strand_id   A
#
# COMPACT_ATOMS: atom_id res chain seq x y z
N ALA A 23 16.11 -21.88 1.79
CA ALA A 23 16.30 -20.49 1.40
C ALA A 23 14.94 -19.78 1.24
N ARG A 24 14.16 -19.74 2.34
CA ARG A 24 12.82 -19.17 2.39
C ARG A 24 12.81 -17.65 2.12
N ARG A 25 12.09 -17.25 1.08
CA ARG A 25 11.97 -15.85 0.68
C ARG A 25 11.13 -15.04 1.68
N GLY A 26 11.34 -13.73 1.69
CA GLY A 26 10.59 -12.82 2.53
C GLY A 26 9.22 -12.58 1.95
N ALA A 27 8.30 -12.06 2.76
CA ALA A 27 6.94 -11.77 2.32
C ALA A 27 6.84 -10.32 1.86
N LEU A 28 5.98 -10.06 0.87
CA LEU A 28 5.72 -8.69 0.40
C LEU A 28 4.37 -8.31 1.00
N ILE A 29 4.38 -7.43 2.00
CA ILE A 29 3.19 -6.99 2.73
C ILE A 29 2.91 -5.53 2.41
N VAL A 30 1.70 -5.25 1.92
CA VAL A 30 1.25 -3.91 1.58
C VAL A 30 0.13 -3.46 2.52
N LEU A 31 0.25 -2.23 3.04
CA LEU A 31 -0.76 -1.59 3.88
C LEU A 31 -1.44 -0.55 3.02
N GLU A 32 -2.76 -0.68 2.87
CA GLU A 32 -3.60 0.23 2.10
C GLU A 32 -4.73 0.78 2.95
N GLY A 33 -5.46 1.75 2.40
CA GLY A 33 -6.56 2.43 3.06
C GLY A 33 -6.55 3.91 2.76
N VAL A 34 -7.67 4.61 3.05
CA VAL A 34 -7.79 6.06 2.81
C VAL A 34 -6.79 6.89 3.63
N ASP A 35 -6.65 8.20 3.34
CA ASP A 35 -5.80 9.12 4.10
C ASP A 35 -6.20 9.07 5.57
N ARG A 36 -5.20 9.06 6.47
CA ARG A 36 -5.37 9.03 7.93
C ARG A 36 -5.92 7.73 8.52
N ALA A 37 -5.89 6.63 7.76
CA ALA A 37 -6.31 5.29 8.21
C ALA A 37 -5.36 4.72 9.27
N GLY A 38 -4.13 5.20 9.29
CA GLY A 38 -3.09 4.77 10.22
C GLY A 38 -1.98 3.99 9.54
N LYS A 39 -1.82 4.15 8.21
CA LYS A 39 -0.81 3.41 7.42
C LYS A 39 0.63 3.66 7.82
N SER A 40 1.05 4.93 7.98
CA SER A 40 2.43 5.26 8.38
C SER A 40 2.71 4.78 9.80
N THR A 41 1.74 4.97 10.70
CA THR A 41 1.81 4.56 12.10
C THR A 41 1.99 3.04 12.21
N GLN A 42 1.08 2.29 11.56
CA GLN A 42 1.05 0.83 11.60
C GLN A 42 2.18 0.13 10.84
N SER A 43 2.68 0.74 9.74
CA SER A 43 3.79 0.18 8.96
C SER A 43 5.09 0.18 9.75
N ARG A 44 5.42 1.32 10.42
CA ARG A 44 6.62 1.46 11.26
C ARG A 44 6.54 0.53 12.46
N LYS A 45 5.33 0.44 13.06
CA LYS A 45 5.05 -0.41 14.23
C LYS A 45 5.28 -1.88 13.88
N LEU A 46 4.83 -2.31 12.69
CA LEU A 46 4.98 -3.68 12.18
C LEU A 46 6.45 -4.06 11.94
N VAL A 47 7.21 -3.22 11.20
CA VAL A 47 8.63 -3.47 10.88
C VAL A 47 9.45 -3.66 12.14
N GLU A 48 9.35 -2.69 13.07
CA GLU A 48 10.07 -2.71 14.33
C GLU A 48 9.71 -3.91 15.22
N ALA A 49 8.43 -4.35 15.21
CA ALA A 49 7.98 -5.51 15.98
C ALA A 49 8.53 -6.80 15.37
N LEU A 50 8.51 -6.91 14.02
CA LEU A 50 9.04 -8.07 13.29
C LEU A 50 10.55 -8.23 13.54
N CYS A 51 11.30 -7.10 13.52
CA CYS A 51 12.75 -7.07 13.77
C CYS A 51 13.11 -7.40 15.22
N ALA A 52 12.15 -7.22 16.16
CA ALA A 52 12.33 -7.49 17.59
C ALA A 52 12.15 -8.98 17.94
N HIS A 55 12.66 -11.74 13.16
CA HIS A 55 12.45 -11.75 11.71
C HIS A 55 13.21 -10.61 11.03
N ARG A 56 13.58 -10.80 9.75
CA ARG A 56 14.26 -9.78 8.96
C ARG A 56 13.19 -9.03 8.18
N ALA A 57 13.01 -7.74 8.49
CA ALA A 57 12.00 -6.91 7.84
C ALA A 57 12.46 -5.48 7.62
N GLU A 58 12.05 -4.90 6.49
CA GLU A 58 12.39 -3.53 6.13
C GLU A 58 11.16 -2.78 5.67
N LEU A 59 11.14 -1.46 5.88
CA LEU A 59 10.04 -0.59 5.49
C LEU A 59 10.29 0.09 4.15
N LEU A 60 9.25 0.12 3.29
CA LEU A 60 9.23 0.82 2.01
C LEU A 60 7.98 1.70 2.00
N ARG A 61 8.11 2.95 1.52
CA ARG A 61 7.02 3.90 1.45
C ARG A 61 6.86 4.43 0.05
N PHE A 62 5.62 4.48 -0.46
CA PHE A 62 5.35 5.05 -1.78
C PHE A 62 4.46 6.29 -1.68
N PRO A 63 4.86 7.44 -2.28
CA PRO A 63 6.06 7.65 -3.11
C PRO A 63 7.37 7.64 -2.33
N GLU A 64 8.44 7.12 -2.98
CA GLU A 64 9.79 7.11 -2.39
C GLU A 64 10.49 8.36 -2.93
N ARG A 65 10.47 9.43 -2.13
CA ARG A 65 11.01 10.76 -2.47
C ARG A 65 12.54 10.87 -2.64
N SER A 66 13.30 9.86 -2.19
CA SER A 66 14.77 9.85 -2.23
C SER A 66 15.41 9.64 -3.61
N THR A 67 14.74 8.90 -4.52
CA THR A 67 15.25 8.63 -5.87
C THR A 67 15.09 9.85 -6.79
N GLU A 68 15.61 9.76 -8.02
CA GLU A 68 15.51 10.83 -9.01
C GLU A 68 14.05 11.02 -9.44
N ILE A 69 13.33 9.91 -9.70
CA ILE A 69 11.89 9.92 -10.06
C ILE A 69 11.08 10.48 -8.88
N GLY A 70 11.46 10.09 -7.66
CA GLY A 70 10.86 10.56 -6.43
C GLY A 70 11.06 12.04 -6.18
N LYS A 71 12.25 12.57 -6.58
CA LYS A 71 12.62 13.98 -6.46
C LYS A 71 11.79 14.87 -7.40
N LEU A 72 11.36 14.30 -8.54
CA LEU A 72 10.52 14.98 -9.54
C LEU A 72 9.10 15.18 -8.96
N LEU A 73 8.57 14.15 -8.25
CA LEU A 73 7.26 14.21 -7.59
C LEU A 73 7.33 15.14 -6.36
N SER A 74 8.56 15.55 -5.97
CA SER A 74 8.92 16.43 -4.86
C SER A 74 8.50 15.88 -3.51
N VAL A 83 0.40 21.06 -14.57
CA VAL A 83 0.99 19.89 -13.91
C VAL A 83 0.86 18.61 -14.75
N GLU A 84 -0.32 18.41 -15.36
CA GLU A 84 -0.73 17.27 -16.19
C GLU A 84 -0.80 15.96 -15.42
N ASP A 85 -2.03 15.58 -15.04
CA ASP A 85 -2.37 14.42 -14.22
C ASP A 85 -2.02 13.03 -14.76
N HIS A 86 -1.95 12.83 -16.10
CA HIS A 86 -1.55 11.53 -16.66
C HIS A 86 -0.05 11.32 -16.42
N SER A 87 0.76 12.39 -16.65
CA SER A 87 2.21 12.40 -16.43
C SER A 87 2.52 12.07 -14.97
N VAL A 88 1.79 12.70 -14.02
CA VAL A 88 1.93 12.51 -12.57
C VAL A 88 1.64 11.04 -12.21
N HIS A 89 0.52 10.50 -12.72
CA HIS A 89 0.12 9.10 -12.51
C HIS A 89 1.21 8.15 -12.96
N LEU A 90 1.80 8.41 -14.15
CA LEU A 90 2.88 7.61 -14.72
C LEU A 90 4.18 7.73 -13.93
N LEU A 91 4.47 8.94 -13.39
CA LEU A 91 5.65 9.20 -12.56
C LEU A 91 5.57 8.41 -11.25
N PHE A 92 4.35 8.32 -10.67
CA PHE A 92 4.09 7.55 -9.45
C PHE A 92 4.32 6.06 -9.69
N SER A 93 3.89 5.54 -10.87
CA SER A 93 4.08 4.14 -11.27
C SER A 93 5.56 3.85 -11.57
N ALA A 94 6.28 4.78 -12.24
CA ALA A 94 7.69 4.64 -12.56
C ALA A 94 8.55 4.62 -11.30
N ASN A 95 8.07 5.28 -10.22
CA ASN A 95 8.69 5.35 -8.91
C ASN A 95 8.59 3.98 -8.21
N ARG A 96 7.51 3.23 -8.48
CA ARG A 96 7.31 1.88 -7.95
C ARG A 96 8.18 0.90 -8.73
N TRP A 97 8.19 1.02 -10.08
CA TRP A 97 8.95 0.18 -10.97
C TRP A 97 10.46 0.26 -10.76
N GLU A 98 10.98 1.45 -10.40
CA GLU A 98 12.42 1.63 -10.19
C GLU A 98 12.93 0.90 -8.93
N GLN A 99 12.00 0.54 -8.01
CA GLN A 99 12.30 -0.17 -6.76
C GLN A 99 12.17 -1.69 -6.91
N VAL A 100 11.68 -2.17 -8.06
CA VAL A 100 11.51 -3.59 -8.36
C VAL A 100 12.80 -4.43 -8.21
N PRO A 101 13.97 -4.06 -8.79
CA PRO A 101 15.18 -4.87 -8.55
C PRO A 101 15.52 -4.97 -7.06
N LEU A 102 15.35 -3.87 -6.28
CA LEU A 102 15.57 -3.84 -4.83
C LEU A 102 14.57 -4.79 -4.14
N ILE A 103 13.27 -4.71 -4.50
CA ILE A 103 12.20 -5.53 -3.93
C ILE A 103 12.52 -7.03 -4.08
N LYS A 104 12.76 -7.49 -5.33
CA LYS A 104 13.09 -8.88 -5.66
C LYS A 104 14.32 -9.40 -4.95
N GLU A 105 15.39 -8.57 -4.87
CA GLU A 105 16.65 -8.91 -4.20
C GLU A 105 16.44 -9.09 -2.69
N LYS A 106 15.78 -8.12 -2.04
CA LYS A 106 15.51 -8.19 -0.60
C LYS A 106 14.67 -9.42 -0.26
N LEU A 107 13.58 -9.67 -1.03
CA LEU A 107 12.71 -10.83 -0.82
C LEU A 107 13.47 -12.16 -0.98
N SER A 108 14.35 -12.28 -2.00
CA SER A 108 15.14 -13.49 -2.24
C SER A 108 16.17 -13.75 -1.12
N GLN A 109 16.64 -12.67 -0.46
CA GLN A 109 17.57 -12.71 0.66
C GLN A 109 16.91 -13.20 1.95
N GLY A 110 15.58 -13.22 1.98
CA GLY A 110 14.78 -13.65 3.12
C GLY A 110 14.24 -12.49 3.94
N VAL A 111 14.30 -11.26 3.38
CA VAL A 111 13.83 -10.04 4.03
C VAL A 111 12.38 -9.78 3.65
N THR A 112 11.50 -9.67 4.66
CA THR A 112 10.09 -9.36 4.47
C THR A 112 10.01 -7.85 4.25
N LEU A 113 9.22 -7.42 3.24
CA LEU A 113 9.08 -6.01 2.98
C LEU A 113 7.71 -5.52 3.36
N VAL A 114 7.67 -4.50 4.21
CA VAL A 114 6.44 -3.86 4.68
C VAL A 114 6.30 -2.58 3.87
N VAL A 115 5.25 -2.51 3.05
CA VAL A 115 5.05 -1.41 2.12
C VAL A 115 3.89 -0.50 2.48
N ASP A 116 4.19 0.77 2.76
CA ASP A 116 3.23 1.82 3.08
C ASP A 116 2.78 2.46 1.76
N ARG A 117 1.63 1.97 1.23
CA ARG A 117 1.01 2.36 -0.05
C ARG A 117 1.72 1.71 -1.23
N TYR A 118 0.94 1.29 -2.22
CA TYR A 118 1.44 0.61 -3.40
C TYR A 118 0.61 1.05 -4.60
N ALA A 119 0.45 0.17 -5.61
CA ALA A 119 -0.32 0.42 -6.82
C ALA A 119 -1.79 0.78 -6.55
N PHE A 120 -2.37 0.22 -5.47
CA PHE A 120 -3.77 0.44 -5.07
C PHE A 120 -4.04 1.90 -4.75
N SER A 121 -3.13 2.56 -4.00
CA SER A 121 -3.20 3.99 -3.68
C SER A 121 -2.99 4.81 -4.97
N GLY A 122 -2.15 4.31 -5.87
CA GLY A 122 -1.89 4.95 -7.16
C GLY A 122 -3.14 5.10 -7.98
N VAL A 123 -3.91 4.01 -8.09
CA VAL A 123 -5.18 3.91 -8.81
C VAL A 123 -6.28 4.70 -8.09
N ALA A 124 -6.32 4.64 -6.74
CA ALA A 124 -7.31 5.34 -5.91
C ALA A 124 -7.20 6.86 -5.97
N PHE A 125 -5.97 7.40 -5.87
CA PHE A 125 -5.71 8.85 -5.90
C PHE A 125 -6.00 9.50 -7.24
N THR A 126 -5.58 8.85 -8.35
CA THR A 126 -5.84 9.35 -9.70
C THR A 126 -7.33 9.19 -10.02
N GLY A 127 -7.91 8.10 -9.54
CA GLY A 127 -9.34 7.81 -9.66
C GLY A 127 -10.19 8.78 -8.86
N ALA A 128 -9.65 9.33 -7.75
CA ALA A 128 -10.32 10.33 -6.92
C ALA A 128 -10.29 11.69 -7.61
N LYS A 129 -9.27 11.94 -8.47
CA LYS A 129 -9.17 13.16 -9.30
C LYS A 129 -10.24 13.08 -10.40
N GLU A 130 -10.76 11.85 -10.62
CA GLU A 130 -11.91 11.42 -11.44
C GLU A 130 -11.89 11.45 -12.95
N ASN A 131 -11.09 12.33 -13.58
CA ASN A 131 -11.07 12.45 -15.03
C ASN A 131 -10.81 11.13 -15.80
N PHE A 132 -10.05 10.18 -15.20
CA PHE A 132 -9.68 8.92 -15.86
C PHE A 132 -10.26 7.65 -15.23
N SER A 133 -10.53 6.64 -16.08
CA SER A 133 -11.11 5.35 -15.72
C SER A 133 -10.15 4.46 -14.91
N LEU A 134 -10.70 3.51 -14.13
CA LEU A 134 -9.94 2.56 -13.31
C LEU A 134 -9.03 1.68 -14.17
N ASP A 135 -9.51 1.28 -15.36
CA ASP A 135 -8.73 0.46 -16.29
C ASP A 135 -7.44 1.15 -16.73
N TRP A 136 -7.50 2.43 -17.18
CA TRP A 136 -6.31 3.18 -17.59
C TRP A 136 -5.34 3.36 -16.41
N CYS A 137 -5.87 3.64 -15.21
CA CYS A 137 -5.06 3.84 -14.01
C CYS A 137 -4.29 2.60 -13.56
N LYS A 138 -4.89 1.40 -13.73
CA LYS A 138 -4.28 0.13 -13.34
C LYS A 138 -3.13 -0.31 -14.24
N GLN A 139 -3.32 -0.20 -15.55
CA GLN A 139 -2.37 -0.61 -16.60
C GLN A 139 -0.86 -0.38 -16.37
N PRO A 140 -0.37 0.83 -15.99
CA PRO A 140 1.09 1.00 -15.79
C PRO A 140 1.69 0.13 -14.69
N ASP A 141 0.91 -0.20 -13.65
CA ASP A 141 1.36 -1.00 -12.52
C ASP A 141 1.19 -2.52 -12.73
N VAL A 142 0.61 -2.92 -13.88
CA VAL A 142 0.42 -4.34 -14.24
C VAL A 142 1.81 -4.96 -14.44
N GLY A 143 2.08 -6.03 -13.70
CA GLY A 143 3.35 -6.74 -13.76
C GLY A 143 4.25 -6.56 -12.54
N LEU A 144 3.98 -5.55 -11.69
CA LEU A 144 4.73 -5.26 -10.46
C LEU A 144 4.77 -6.49 -9.53
N PRO A 145 5.75 -6.61 -8.60
CA PRO A 145 5.72 -7.74 -7.66
C PRO A 145 4.39 -7.82 -6.91
N LYS A 146 3.72 -8.99 -6.98
CA LYS A 146 2.42 -9.19 -6.36
C LYS A 146 2.56 -9.34 -4.85
N PRO A 147 1.84 -8.51 -4.04
CA PRO A 147 1.94 -8.67 -2.59
C PRO A 147 1.37 -10.01 -2.14
N ASP A 148 2.00 -10.59 -1.13
CA ASP A 148 1.58 -11.85 -0.53
C ASP A 148 0.39 -11.57 0.38
N LEU A 149 0.28 -10.31 0.86
CA LEU A 149 -0.77 -9.83 1.75
C LEU A 149 -1.02 -8.35 1.51
N VAL A 150 -2.29 -7.98 1.34
CA VAL A 150 -2.73 -6.60 1.19
C VAL A 150 -3.64 -6.27 2.37
N LEU A 151 -3.11 -5.50 3.33
CA LEU A 151 -3.86 -5.10 4.51
C LEU A 151 -4.65 -3.84 4.18
N PHE A 152 -5.99 -3.93 4.30
CA PHE A 152 -6.83 -2.76 4.06
C PHE A 152 -7.27 -2.24 5.42
N LEU A 153 -6.78 -1.04 5.76
CA LEU A 153 -7.08 -0.41 7.04
C LEU A 153 -8.40 0.35 6.93
N GLN A 154 -9.53 -0.34 7.25
CA GLN A 154 -10.86 0.27 7.17
C GLN A 154 -11.33 1.03 8.37
N LEU A 155 -11.96 2.16 8.10
CA LEU A 155 -12.56 3.04 9.09
C LEU A 155 -13.48 3.99 8.37
N GLN A 156 -14.54 4.43 9.06
CA GLN A 156 -15.50 5.39 8.52
C GLN A 156 -14.74 6.63 8.08
N LEU A 157 -15.13 7.22 6.94
CA LEU A 157 -14.51 8.43 6.41
C LEU A 157 -14.58 9.57 7.44
N ALA A 158 -15.70 9.65 8.19
CA ALA A 158 -15.92 10.63 9.25
C ALA A 158 -15.00 10.37 10.46
N ASP A 159 -14.59 9.10 10.65
CA ASP A 159 -13.67 8.69 11.72
C ASP A 159 -12.25 9.16 11.37
N ALA A 160 -11.84 9.00 10.10
CA ALA A 160 -10.53 9.44 9.61
C ALA A 160 -10.46 10.97 9.57
N ALA A 161 -11.59 11.64 9.25
CA ALA A 161 -11.69 13.11 9.16
C ALA A 161 -11.45 13.80 10.52
N LYS A 162 -11.76 13.10 11.63
CA LYS A 162 -11.56 13.63 12.97
C LYS A 162 -10.22 13.16 13.59
N ARG A 163 -9.24 12.84 12.74
CA ARG A 163 -7.91 12.40 13.19
C ARG A 163 -6.86 13.51 13.14
N GLY A 164 -5.89 13.43 14.06
CA GLY A 164 -4.84 14.41 14.27
C GLY A 164 -3.81 14.64 13.18
N ALA A 165 -4.17 14.44 11.91
CA ALA A 165 -3.25 14.66 10.79
C ALA A 165 -3.75 15.70 9.82
N PHE A 166 -2.90 16.71 9.56
CA PHE A 166 -3.18 17.82 8.65
C PHE A 166 -1.94 18.07 7.78
N GLY A 167 -2.00 19.07 6.91
CA GLY A 167 -0.88 19.37 6.01
C GLY A 167 -1.19 19.12 4.55
N HIS A 168 -2.40 18.57 4.26
CA HIS A 168 -2.88 18.30 2.90
C HIS A 168 -4.34 18.73 2.77
N GLU A 169 -4.65 19.54 1.74
CA GLU A 169 -6.01 20.05 1.48
C GLU A 169 -7.00 18.94 1.18
N ARG A 170 -6.56 17.89 0.46
CA ARG A 170 -7.35 16.72 0.08
C ARG A 170 -8.01 15.98 1.26
N TYR A 171 -7.42 16.13 2.47
CA TYR A 171 -7.91 15.55 3.73
C TYR A 171 -9.32 16.08 4.06
N GLU A 172 -9.55 17.38 3.79
CA GLU A 172 -10.81 18.09 4.05
C GLU A 172 -11.80 17.95 2.89
N ASN A 173 -11.32 17.53 1.71
CA ASN A 173 -12.17 17.33 0.53
C ASN A 173 -12.90 16.00 0.69
N GLY A 174 -14.09 16.06 1.30
CA GLY A 174 -14.96 14.92 1.57
C GLY A 174 -15.31 14.10 0.34
N ALA A 175 -15.65 14.80 -0.77
CA ALA A 175 -16.00 14.19 -2.06
C ALA A 175 -14.84 13.36 -2.60
N PHE A 176 -13.60 13.92 -2.60
CA PHE A 176 -12.36 13.27 -3.04
C PHE A 176 -12.14 11.97 -2.26
N GLN A 177 -12.27 12.03 -0.92
CA GLN A 177 -12.10 10.90 0.00
C GLN A 177 -13.11 9.79 -0.29
N GLU A 178 -14.37 10.16 -0.60
CA GLU A 178 -15.44 9.21 -0.95
C GLU A 178 -15.13 8.48 -2.26
N ARG A 179 -14.61 9.21 -3.26
CA ARG A 179 -14.24 8.67 -4.56
C ARG A 179 -13.02 7.76 -4.42
N ALA A 180 -12.05 8.15 -3.58
CA ALA A 180 -10.85 7.38 -3.28
C ALA A 180 -11.24 6.03 -2.65
N LEU A 181 -12.23 6.05 -1.72
CA LEU A 181 -12.76 4.85 -1.06
C LEU A 181 -13.49 3.93 -2.04
N ARG A 182 -14.29 4.52 -2.96
CA ARG A 182 -15.00 3.79 -4.01
C ARG A 182 -14.02 3.04 -4.92
N CYS A 183 -12.87 3.69 -5.24
CA CYS A 183 -11.79 3.11 -6.05
C CYS A 183 -11.17 1.94 -5.31
N PHE A 184 -10.91 2.10 -3.99
CA PHE A 184 -10.38 1.05 -3.13
C PHE A 184 -11.31 -0.16 -3.10
N HIS A 185 -12.64 0.10 -3.02
CA HIS A 185 -13.67 -0.95 -3.00
C HIS A 185 -13.65 -1.80 -4.27
N GLN A 186 -13.60 -1.16 -5.46
CA GLN A 186 -13.53 -1.83 -6.77
C GLN A 186 -12.27 -2.71 -6.87
N LEU A 187 -11.13 -2.20 -6.36
CA LEU A 187 -9.84 -2.93 -6.38
C LEU A 187 -9.86 -4.16 -5.46
N MET A 188 -10.67 -4.13 -4.40
CA MET A 188 -10.80 -5.26 -3.46
C MET A 188 -11.64 -6.42 -4.04
N LYS A 189 -12.36 -6.18 -5.15
CA LYS A 189 -13.19 -7.19 -5.84
C LYS A 189 -12.33 -8.28 -6.51
N ASP A 190 -11.03 -7.98 -6.75
CA ASP A 190 -10.05 -8.87 -7.37
C ASP A 190 -9.75 -10.06 -6.45
N THR A 191 -10.32 -11.23 -6.79
CA THR A 191 -10.19 -12.49 -6.04
C THR A 191 -8.76 -13.09 -6.03
N THR A 192 -7.88 -12.64 -6.95
CA THR A 192 -6.51 -13.15 -7.04
C THR A 192 -5.58 -12.63 -5.93
N LEU A 193 -5.89 -11.44 -5.37
CA LEU A 193 -5.10 -10.82 -4.30
C LEU A 193 -5.57 -11.22 -2.91
N ASN A 194 -4.61 -11.43 -1.99
CA ASN A 194 -4.86 -11.81 -0.60
C ASN A 194 -5.15 -10.57 0.23
N TRP A 195 -6.37 -10.03 0.07
CA TRP A 195 -6.86 -8.86 0.80
C TRP A 195 -7.32 -9.28 2.18
N LYS A 196 -6.89 -8.55 3.21
CA LYS A 196 -7.31 -8.78 4.60
C LYS A 196 -7.73 -7.46 5.19
N MET A 197 -9.01 -7.35 5.53
CA MET A 197 -9.56 -6.12 6.11
C MET A 197 -9.32 -6.10 7.62
N VAL A 198 -8.78 -4.98 8.10
CA VAL A 198 -8.49 -4.75 9.52
C VAL A 198 -9.32 -3.54 10.00
N ASP A 199 -9.88 -3.63 11.21
CA ASP A 199 -10.66 -2.55 11.79
C ASP A 199 -9.68 -1.47 12.28
N ALA A 200 -9.42 -0.46 11.44
CA ALA A 200 -8.48 0.63 11.71
C ALA A 200 -9.00 1.69 12.69
N SER A 201 -10.28 1.58 13.15
CA SER A 201 -10.89 2.52 14.09
C SER A 201 -10.48 2.21 15.54
N LYS A 202 -10.00 0.97 15.78
CA LYS A 202 -9.57 0.51 17.10
C LYS A 202 -8.29 1.21 17.56
N SER A 203 -7.84 0.92 18.80
CA SER A 203 -6.64 1.49 19.40
C SER A 203 -5.38 1.09 18.64
N ILE A 204 -4.32 1.92 18.75
CA ILE A 204 -3.02 1.70 18.11
C ILE A 204 -2.48 0.28 18.36
N GLU A 205 -2.58 -0.22 19.62
CA GLU A 205 -2.13 -1.55 20.03
C GLU A 205 -3.00 -2.70 19.51
N ALA A 206 -4.33 -2.50 19.42
CA ALA A 206 -5.28 -3.51 18.94
C ALA A 206 -5.18 -3.66 17.42
N VAL A 207 -4.97 -2.55 16.69
CA VAL A 207 -4.79 -2.56 15.23
C VAL A 207 -3.44 -3.27 14.94
N HIS A 208 -2.40 -2.94 15.73
CA HIS A 208 -1.07 -3.55 15.60
C HIS A 208 -1.12 -5.05 15.79
N GLU A 209 -1.89 -5.53 16.82
CA GLU A 209 -2.03 -6.96 17.13
C GLU A 209 -2.62 -7.73 15.95
N ASP A 210 -3.69 -7.19 15.32
CA ASP A 210 -4.34 -7.82 14.16
C ASP A 210 -3.39 -7.88 12.96
N ILE A 211 -2.71 -6.74 12.65
CA ILE A 211 -1.74 -6.62 11.55
C ILE A 211 -0.55 -7.58 11.78
N ARG A 212 -0.08 -7.72 13.02
CA ARG A 212 1.01 -8.61 13.41
C ARG A 212 0.69 -10.08 13.14
N VAL A 213 -0.52 -10.55 13.55
CA VAL A 213 -0.94 -11.95 13.37
C VAL A 213 -1.02 -12.30 11.87
N LEU A 214 -1.69 -11.45 11.06
CA LEU A 214 -1.85 -11.63 9.61
C LEU A 214 -0.51 -11.58 8.88
N SER A 215 0.40 -10.70 9.31
CA SER A 215 1.73 -10.56 8.73
C SER A 215 2.60 -11.79 9.01
N GLU A 216 2.54 -12.31 10.26
CA GLU A 216 3.29 -13.50 10.66
C GLU A 216 2.79 -14.75 9.94
N ASP A 217 1.47 -14.84 9.71
CA ASP A 217 0.82 -15.92 8.95
C ASP A 217 1.34 -15.91 7.50
N ALA A 218 1.46 -14.70 6.90
CA ALA A 218 1.95 -14.48 5.54
C ALA A 218 3.44 -14.87 5.39
N ILE A 219 4.26 -14.55 6.42
CA ILE A 219 5.70 -14.89 6.43
C ILE A 219 5.90 -16.40 6.47
N ARG A 220 5.08 -17.12 7.27
CA ARG A 220 5.15 -18.58 7.42
C ARG A 220 4.53 -19.35 6.25
N THR A 221 3.33 -18.93 5.80
CA THR A 221 2.55 -19.63 4.77
C THR A 221 2.69 -19.14 3.32
N ALA A 222 2.31 -17.87 3.04
CA ALA A 222 2.32 -17.28 1.70
C ALA A 222 3.66 -17.36 0.94
N THR A 223 4.78 -17.43 1.67
CA THR A 223 6.14 -17.51 1.12
C THR A 223 6.49 -18.86 0.45
N GLU A 224 5.63 -19.89 0.62
CA GLU A 224 5.78 -21.23 0.04
C GLU A 224 5.81 -21.19 -1.49
N LYS A 225 4.92 -20.37 -2.09
CA LYS A 225 4.79 -20.18 -3.53
C LYS A 225 5.73 -19.07 -4.04
N PRO A 226 6.18 -19.10 -5.32
CA PRO A 226 7.06 -18.02 -5.80
C PRO A 226 6.34 -16.67 -5.88
N LEU A 227 7.12 -15.58 -5.87
CA LEU A 227 6.61 -14.21 -5.96
C LEU A 227 5.86 -14.04 -7.29
N GLY A 228 4.60 -13.61 -7.19
CA GLY A 228 3.72 -13.40 -8.34
C GLY A 228 3.86 -12.05 -9.00
N GLU A 229 2.95 -11.76 -9.93
CA GLU A 229 2.90 -10.50 -10.67
C GLU A 229 1.51 -9.87 -10.54
N LEU A 230 1.48 -8.56 -10.19
CA LEU A 230 0.26 -7.80 -9.98
C LEU A 230 -0.56 -7.63 -11.25
N TRP A 231 -1.88 -7.91 -11.14
CA TRP A 231 -2.88 -7.77 -12.18
C TRP A 231 -2.58 -8.48 -13.53
N LYS A 232 -1.93 -9.67 -13.48
CA LYS A 232 -1.62 -10.49 -14.65
C LYS A 232 -1.43 -11.98 -14.33
#